data_1GM2
#
_entry.id   1GM2
#
_cell.length_a   1.000
_cell.length_b   1.000
_cell.length_c   1.000
_cell.angle_alpha   90.00
_cell.angle_beta   90.00
_cell.angle_gamma   90.00
#
_symmetry.space_group_name_H-M   'P 1'
#
_entity_poly.entity_id   1
_entity_poly.type   'polypeptide(L)'
_entity_poly.pdbx_seq_one_letter_code
;SCTKSIPPQCY
;
_entity_poly.pdbx_strand_id   A
#
# COMPACT_ATOMS: atom_id res chain seq x y z
N SER A 1 3.71 -7.30 -2.51
CA SER A 1 4.14 -6.16 -1.65
C SER A 1 3.04 -5.12 -1.53
N CYS A 2 3.21 -4.20 -0.57
CA CYS A 2 2.22 -3.14 -0.35
C CYS A 2 2.71 -1.82 -0.94
N THR A 3 1.81 -1.13 -1.64
CA THR A 3 2.15 0.15 -2.26
C THR A 3 2.59 1.17 -1.20
N LYS A 4 2.99 2.35 -1.66
CA LYS A 4 3.43 3.41 -0.75
C LYS A 4 2.39 4.53 -0.69
N SER A 5 1.12 4.14 -0.70
CA SER A 5 0.03 5.10 -0.63
C SER A 5 -0.43 5.32 0.81
N ILE A 6 -1.17 6.40 1.03
CA ILE A 6 -1.67 6.72 2.36
C ILE A 6 -3.21 6.76 2.38
N PRO A 7 -3.89 5.73 2.95
CA PRO A 7 -3.25 4.56 3.57
C PRO A 7 -2.62 3.62 2.54
N PRO A 8 -1.64 2.79 2.95
CA PRO A 8 -0.97 1.85 2.05
C PRO A 8 -1.87 0.69 1.66
N GLN A 9 -1.71 0.20 0.43
CA GLN A 9 -2.51 -0.91 -0.06
C GLN A 9 -1.64 -2.14 -0.30
N CYS A 10 -2.14 -3.30 0.12
CA CYS A 10 -1.41 -4.56 -0.04
C CYS A 10 -2.11 -5.46 -1.05
N TYR A 11 -1.33 -6.09 -1.92
CA TYR A 11 -1.88 -6.99 -2.93
C TYR A 11 -1.81 -8.44 -2.47
N SER A 1 3.53 -7.72 0.71
CA SER A 1 4.00 -6.48 0.05
C SER A 1 2.86 -5.48 -0.16
N CYS A 2 3.18 -4.19 -0.05
CA CYS A 2 2.18 -3.15 -0.22
C CYS A 2 2.75 -2.00 -1.04
N THR A 3 1.88 -1.06 -1.41
CA THR A 3 2.29 0.11 -2.19
C THR A 3 2.77 1.23 -1.28
N LYS A 4 2.97 2.41 -1.85
CA LYS A 4 3.43 3.57 -1.09
C LYS A 4 2.29 4.57 -0.93
N SER A 5 1.08 4.07 -0.75
CA SER A 5 -0.09 4.92 -0.58
C SER A 5 -0.38 5.16 0.91
N ILE A 6 -1.22 6.15 1.19
CA ILE A 6 -1.58 6.47 2.56
C ILE A 6 -3.10 6.70 2.69
N PRO A 7 -3.86 5.70 3.20
CA PRO A 7 -3.34 4.41 3.66
C PRO A 7 -2.69 3.61 2.53
N PRO A 8 -1.75 2.69 2.86
CA PRO A 8 -1.06 1.88 1.85
C PRO A 8 -1.94 0.78 1.28
N GLN A 9 -1.61 0.31 0.08
CA GLN A 9 -2.37 -0.73 -0.57
C GLN A 9 -1.60 -2.05 -0.56
N CYS A 10 -2.13 -3.04 0.14
CA CYS A 10 -1.48 -4.35 0.22
C CYS A 10 -2.22 -5.36 -0.65
N TYR A 11 -1.44 -6.18 -1.36
CA TYR A 11 -2.02 -7.20 -2.24
C TYR A 11 -2.00 -8.56 -1.56
N SER A 1 3.33 -7.58 -0.96
CA SER A 1 3.80 -6.31 -0.35
C SER A 1 2.83 -5.17 -0.64
N CYS A 2 2.93 -4.10 0.15
CA CYS A 2 2.07 -2.94 -0.02
C CYS A 2 2.78 -1.83 -0.79
N THR A 3 2.00 -0.94 -1.40
CA THR A 3 2.56 0.16 -2.15
C THR A 3 2.84 1.36 -1.25
N LYS A 4 3.16 2.50 -1.85
CA LYS A 4 3.45 3.71 -1.09
C LYS A 4 2.22 4.62 -1.02
N SER A 5 1.05 4.01 -0.83
CA SER A 5 -0.19 4.76 -0.75
C SER A 5 -0.44 5.24 0.68
N ILE A 6 -1.37 6.17 0.82
CA ILE A 6 -1.70 6.72 2.14
C ILE A 6 -3.22 6.70 2.37
N PRO A 7 -3.75 5.69 3.13
CA PRO A 7 -2.95 4.62 3.75
C PRO A 7 -2.40 3.63 2.72
N PRO A 8 -1.52 2.70 3.16
CA PRO A 8 -0.94 1.70 2.26
C PRO A 8 -1.93 0.62 1.87
N GLN A 9 -1.74 0.04 0.69
CA GLN A 9 -2.62 -1.01 0.20
C GLN A 9 -1.82 -2.16 -0.41
N CYS A 10 -2.21 -3.39 -0.08
CA CYS A 10 -1.52 -4.57 -0.60
C CYS A 10 -2.36 -5.25 -1.68
N TYR A 11 -1.71 -5.70 -2.73
CA TYR A 11 -2.39 -6.38 -3.83
C TYR A 11 -2.20 -7.89 -3.76
N SER A 1 2.53 -8.08 -1.06
CA SER A 1 3.15 -6.81 -1.54
C SER A 1 2.29 -5.61 -1.18
N CYS A 2 2.93 -4.49 -0.88
CA CYS A 2 2.22 -3.27 -0.52
C CYS A 2 2.86 -2.05 -1.20
N THR A 3 2.04 -1.03 -1.45
CA THR A 3 2.52 0.19 -2.08
C THR A 3 2.81 1.27 -1.05
N LYS A 4 3.10 2.47 -1.52
CA LYS A 4 3.39 3.60 -0.65
C LYS A 4 2.21 4.57 -0.60
N SER A 5 1.00 4.02 -0.68
CA SER A 5 -0.21 4.83 -0.64
C SER A 5 -0.51 5.30 0.77
N ILE A 6 -1.42 6.26 0.90
CA ILE A 6 -1.80 6.80 2.20
C ILE A 6 -3.32 6.74 2.40
N PRO A 7 -3.84 5.70 3.08
CA PRO A 7 -3.04 4.59 3.65
C PRO A 7 -2.44 3.69 2.57
N PRO A 8 -1.56 2.75 2.96
CA PRO A 8 -0.93 1.83 2.00
C PRO A 8 -1.88 0.74 1.52
N GLN A 9 -1.64 0.24 0.32
CA GLN A 9 -2.48 -0.81 -0.25
C GLN A 9 -1.68 -2.11 -0.43
N CYS A 10 -2.15 -3.17 0.22
CA CYS A 10 -1.49 -4.47 0.13
C CYS A 10 -2.30 -5.43 -0.73
N TYR A 11 -1.60 -6.18 -1.58
CA TYR A 11 -2.26 -7.14 -2.45
C TYR A 11 -2.18 -8.55 -1.88
N SER A 1 4.15 -7.13 -2.78
CA SER A 1 4.50 -5.97 -1.92
C SER A 1 3.34 -4.99 -1.81
N CYS A 2 3.37 -4.14 -0.79
CA CYS A 2 2.33 -3.14 -0.58
C CYS A 2 2.75 -1.78 -1.11
N THR A 3 1.81 -1.06 -1.72
CA THR A 3 2.09 0.26 -2.25
C THR A 3 2.43 1.24 -1.14
N LYS A 4 3.07 2.34 -1.50
CA LYS A 4 3.44 3.36 -0.53
C LYS A 4 2.42 4.50 -0.50
N SER A 5 1.14 4.13 -0.60
CA SER A 5 0.07 5.12 -0.58
C SER A 5 -0.41 5.38 0.84
N ILE A 6 -1.18 6.44 1.02
CA ILE A 6 -1.71 6.80 2.34
C ILE A 6 -3.24 6.76 2.36
N PRO A 7 -3.86 5.69 2.91
CA PRO A 7 -3.16 4.54 3.51
C PRO A 7 -2.55 3.62 2.46
N PRO A 8 -1.64 2.70 2.88
CA PRO A 8 -0.99 1.77 1.95
C PRO A 8 -1.93 0.66 1.49
N GLN A 9 -1.68 0.13 0.30
CA GLN A 9 -2.51 -0.93 -0.26
C GLN A 9 -1.71 -2.23 -0.39
N CYS A 10 -2.18 -3.27 0.29
CA CYS A 10 -1.51 -4.57 0.26
C CYS A 10 -2.27 -5.54 -0.63
N TYR A 11 -1.54 -6.30 -1.44
CA TYR A 11 -2.14 -7.27 -2.34
C TYR A 11 -2.10 -8.67 -1.74
N SER A 1 2.69 -8.01 -0.99
CA SER A 1 3.27 -6.71 -1.45
C SER A 1 2.35 -5.54 -1.12
N CYS A 2 2.96 -4.40 -0.78
CA CYS A 2 2.19 -3.21 -0.45
C CYS A 2 2.81 -1.97 -1.07
N THR A 3 1.96 -1.04 -1.50
CA THR A 3 2.43 0.19 -2.12
C THR A 3 2.72 1.26 -1.06
N LYS A 4 3.07 2.45 -1.52
CA LYS A 4 3.38 3.55 -0.61
C LYS A 4 2.23 4.57 -0.57
N SER A 5 1.01 4.07 -0.69
CA SER A 5 -0.17 4.93 -0.67
C SER A 5 -0.52 5.33 0.77
N ILE A 6 -1.36 6.36 0.90
CA ILE A 6 -1.78 6.83 2.21
C ILE A 6 -3.30 6.73 2.38
N PRO A 7 -3.81 5.66 3.04
CA PRO A 7 -2.99 4.58 3.62
C PRO A 7 -2.41 3.65 2.55
N PRO A 8 -1.50 2.74 2.94
CA PRO A 8 -0.88 1.80 1.99
C PRO A 8 -1.85 0.70 1.57
N GLN A 9 -1.65 0.19 0.35
CA GLN A 9 -2.50 -0.87 -0.18
C GLN A 9 -1.71 -2.15 -0.42
N CYS A 10 -2.14 -3.23 0.20
CA CYS A 10 -1.47 -4.52 0.06
C CYS A 10 -2.26 -5.44 -0.86
N TYR A 11 -1.55 -6.15 -1.74
CA TYR A 11 -2.19 -7.07 -2.67
C TYR A 11 -2.12 -8.50 -2.15
N SER A 1 4.80 -7.15 -1.77
CA SER A 1 4.87 -5.99 -0.84
C SER A 1 3.66 -5.09 -1.00
N CYS A 2 3.57 -4.06 -0.15
CA CYS A 2 2.45 -3.12 -0.20
C CYS A 2 2.86 -1.83 -0.92
N THR A 3 1.90 -1.23 -1.61
CA THR A 3 2.15 0.01 -2.33
C THR A 3 2.49 1.14 -1.38
N LYS A 4 3.09 2.21 -1.91
CA LYS A 4 3.47 3.36 -1.10
C LYS A 4 2.36 4.42 -1.11
N SER A 5 1.22 4.06 -0.55
CA SER A 5 0.08 4.97 -0.49
C SER A 5 -0.33 5.25 0.96
N ILE A 6 -1.15 6.27 1.15
CA ILE A 6 -1.63 6.63 2.48
C ILE A 6 -3.15 6.82 2.49
N PRO A 7 -3.93 5.84 3.04
CA PRO A 7 -3.40 4.60 3.64
C PRO A 7 -2.77 3.67 2.59
N PRO A 8 -1.81 2.82 3.00
CA PRO A 8 -1.14 1.90 2.09
C PRO A 8 -2.04 0.73 1.69
N GLN A 9 -1.88 0.24 0.47
CA GLN A 9 -2.67 -0.87 -0.03
C GLN A 9 -1.78 -2.04 -0.43
N CYS A 10 -2.10 -3.23 0.08
CA CYS A 10 -1.33 -4.43 -0.22
C CYS A 10 -2.07 -5.31 -1.22
N TYR A 11 -1.33 -5.91 -2.14
CA TYR A 11 -1.92 -6.79 -3.15
C TYR A 11 -0.97 -7.92 -3.52
N SER A 1 2.09 -7.03 -2.82
CA SER A 1 2.97 -6.10 -2.07
C SER A 1 2.19 -4.87 -1.60
N CYS A 2 2.75 -4.15 -0.64
CA CYS A 2 2.10 -2.95 -0.10
C CYS A 2 2.71 -1.69 -0.70
N THR A 3 1.94 -1.02 -1.56
CA THR A 3 2.40 0.20 -2.21
C THR A 3 2.72 1.27 -1.16
N LYS A 4 3.10 2.45 -1.64
CA LYS A 4 3.43 3.56 -0.75
C LYS A 4 2.27 4.54 -0.64
N SER A 5 1.05 4.02 -0.77
CA SER A 5 -0.14 4.85 -0.68
C SER A 5 -0.46 5.20 0.77
N ILE A 6 -1.35 6.16 0.96
CA ILE A 6 -1.75 6.58 2.29
C ILE A 6 -3.28 6.53 2.47
N PRO A 7 -3.82 5.46 3.11
CA PRO A 7 -3.05 4.34 3.66
C PRO A 7 -2.49 3.42 2.58
N PRO A 8 -1.39 2.70 2.86
CA PRO A 8 -0.78 1.77 1.89
C PRO A 8 -1.78 0.75 1.36
N GLN A 9 -1.52 0.27 0.14
CA GLN A 9 -2.40 -0.72 -0.49
C GLN A 9 -1.71 -2.07 -0.59
N CYS A 10 -2.14 -3.01 0.23
CA CYS A 10 -1.56 -4.35 0.23
C CYS A 10 -2.43 -5.33 -0.57
N TYR A 11 -1.78 -6.16 -1.36
CA TYR A 11 -2.49 -7.14 -2.18
C TYR A 11 -2.45 -8.53 -1.54
N SER A 1 4.40 -7.12 -2.22
CA SER A 1 4.64 -5.97 -1.32
C SER A 1 3.45 -5.01 -1.32
N CYS A 2 3.50 -4.03 -0.43
CA CYS A 2 2.43 -3.04 -0.32
C CYS A 2 2.83 -1.74 -0.97
N THR A 3 1.88 -1.10 -1.65
CA THR A 3 2.13 0.16 -2.32
C THR A 3 2.57 1.23 -1.33
N LYS A 4 3.10 2.34 -1.85
CA LYS A 4 3.55 3.44 -1.01
C LYS A 4 2.48 4.52 -0.89
N SER A 5 1.24 4.09 -0.66
CA SER A 5 0.13 5.02 -0.54
C SER A 5 -0.29 5.17 0.93
N ILE A 6 -1.00 6.25 1.21
CA ILE A 6 -1.47 6.52 2.57
C ILE A 6 -2.97 6.88 2.58
N PRO A 7 -3.86 5.97 3.05
CA PRO A 7 -3.49 4.64 3.57
C PRO A 7 -2.90 3.72 2.50
N PRO A 8 -1.95 2.84 2.86
CA PRO A 8 -1.33 1.92 1.90
C PRO A 8 -2.23 0.75 1.55
N GLN A 9 -1.93 0.08 0.45
CA GLN A 9 -2.71 -1.06 0.00
C GLN A 9 -1.81 -2.24 -0.37
N CYS A 10 -2.10 -3.39 0.22
CA CYS A 10 -1.32 -4.59 -0.04
C CYS A 10 -2.06 -5.53 -0.98
N TYR A 11 -1.33 -6.11 -1.93
CA TYR A 11 -1.92 -7.03 -2.89
C TYR A 11 -1.69 -8.49 -2.47
N SER A 1 2.72 -7.29 -1.77
CA SER A 1 3.46 -6.01 -1.62
C SER A 1 2.49 -4.85 -1.42
N CYS A 2 2.84 -3.94 -0.51
CA CYS A 2 2.01 -2.77 -0.24
C CYS A 2 2.56 -1.53 -0.92
N THR A 3 1.67 -0.79 -1.59
CA THR A 3 2.07 0.42 -2.28
C THR A 3 2.66 1.44 -1.32
N LYS A 4 3.22 2.52 -1.86
CA LYS A 4 3.82 3.57 -1.05
C LYS A 4 2.87 4.75 -0.89
N SER A 5 1.57 4.45 -0.88
CA SER A 5 0.55 5.50 -0.74
C SER A 5 -0.21 5.33 0.57
N ILE A 6 -0.92 6.38 0.97
CA ILE A 6 -1.70 6.35 2.20
C ILE A 6 -3.20 6.37 1.90
N PRO A 7 -4.00 5.41 2.46
CA PRO A 7 -3.51 4.35 3.35
C PRO A 7 -2.75 3.26 2.58
N PRO A 8 -1.76 2.62 3.23
CA PRO A 8 -0.96 1.56 2.59
C PRO A 8 -1.77 0.30 2.35
N GLN A 9 -2.03 -0.01 1.08
CA GLN A 9 -2.79 -1.19 0.72
C GLN A 9 -1.91 -2.22 0.01
N CYS A 10 -2.22 -3.49 0.21
CA CYS A 10 -1.45 -4.57 -0.41
C CYS A 10 -2.27 -5.27 -1.50
N TYR A 11 -1.59 -5.96 -2.40
CA TYR A 11 -2.25 -6.66 -3.49
C TYR A 11 -1.49 -7.93 -3.87
N SER A 1 2.31 -6.95 -3.34
CA SER A 1 3.14 -6.08 -2.46
C SER A 1 2.34 -4.86 -1.99
N CYS A 2 2.86 -4.20 -0.95
CA CYS A 2 2.20 -3.01 -0.41
C CYS A 2 2.89 -1.74 -0.88
N THR A 3 2.17 -0.94 -1.68
CA THR A 3 2.71 0.31 -2.20
C THR A 3 2.88 1.33 -1.09
N LYS A 4 3.23 2.56 -1.47
CA LYS A 4 3.42 3.62 -0.50
C LYS A 4 2.20 4.55 -0.45
N SER A 5 1.02 3.99 -0.74
CA SER A 5 -0.22 4.76 -0.73
C SER A 5 -0.52 5.25 0.68
N ILE A 6 -1.44 6.20 0.78
CA ILE A 6 -1.83 6.76 2.07
C ILE A 6 -3.34 6.60 2.32
N PRO A 7 -3.77 5.54 3.04
CA PRO A 7 -2.88 4.52 3.62
C PRO A 7 -2.34 3.55 2.56
N PRO A 8 -1.38 2.68 2.93
CA PRO A 8 -0.79 1.71 2.00
C PRO A 8 -1.79 0.61 1.61
N GLN A 9 -1.75 0.21 0.35
CA GLN A 9 -2.65 -0.84 -0.15
C GLN A 9 -1.89 -2.14 -0.40
N CYS A 10 -2.30 -3.19 0.28
CA CYS A 10 -1.68 -4.49 0.12
C CYS A 10 -2.57 -5.42 -0.69
N TYR A 11 -1.97 -6.15 -1.63
CA TYR A 11 -2.72 -7.07 -2.48
C TYR A 11 -2.63 -8.50 -1.95
N SER A 1 3.40 -7.50 -0.73
CA SER A 1 3.99 -6.15 -0.59
C SER A 1 2.94 -5.06 -0.78
N CYS A 2 3.03 -4.01 0.03
CA CYS A 2 2.09 -2.90 -0.04
C CYS A 2 2.69 -1.72 -0.79
N THR A 3 1.83 -0.96 -1.47
CA THR A 3 2.29 0.20 -2.23
C THR A 3 2.70 1.34 -1.29
N LYS A 4 3.13 2.45 -1.87
CA LYS A 4 3.56 3.61 -1.10
C LYS A 4 2.44 4.64 -0.98
N SER A 5 1.20 4.16 -0.87
CA SER A 5 0.05 5.04 -0.75
C SER A 5 -0.34 5.24 0.71
N ILE A 6 -1.13 6.28 0.97
CA ILE A 6 -1.58 6.58 2.33
C ILE A 6 -3.11 6.71 2.37
N PRO A 7 -3.83 5.74 3.01
CA PRO A 7 -3.24 4.56 3.66
C PRO A 7 -2.68 3.55 2.64
N PRO A 8 -1.63 2.80 3.00
CA PRO A 8 -1.03 1.81 2.11
C PRO A 8 -1.91 0.57 1.92
N GLN A 9 -1.88 -0.01 0.73
CA GLN A 9 -2.67 -1.19 0.44
C GLN A 9 -1.83 -2.26 -0.26
N CYS A 10 -2.13 -3.51 0.02
CA CYS A 10 -1.40 -4.63 -0.59
C CYS A 10 -2.23 -5.28 -1.68
N TYR A 11 -1.57 -5.64 -2.77
CA TYR A 11 -2.24 -6.28 -3.90
C TYR A 11 -2.04 -7.79 -3.87
N SER A 1 3.76 -7.34 -2.28
CA SER A 1 4.13 -6.25 -1.35
C SER A 1 3.05 -5.17 -1.29
N CYS A 2 3.22 -4.22 -0.39
CA CYS A 2 2.25 -3.13 -0.24
C CYS A 2 2.76 -1.85 -0.88
N THR A 3 1.85 -1.07 -1.46
CA THR A 3 2.21 0.18 -2.12
C THR A 3 2.56 1.25 -1.09
N LYS A 4 3.00 2.40 -1.58
CA LYS A 4 3.36 3.51 -0.70
C LYS A 4 2.23 4.54 -0.62
N SER A 5 1.00 4.07 -0.75
CA SER A 5 -0.17 4.94 -0.69
C SER A 5 -0.49 5.31 0.75
N ILE A 6 -1.33 6.33 0.92
CA ILE A 6 -1.72 6.79 2.25
C ILE A 6 -3.24 6.68 2.45
N PRO A 7 -3.74 5.61 3.10
CA PRO A 7 -2.92 4.51 3.64
C PRO A 7 -2.38 3.60 2.55
N PRO A 8 -1.43 2.70 2.89
CA PRO A 8 -0.84 1.77 1.92
C PRO A 8 -1.80 0.67 1.52
N GLN A 9 -1.68 0.21 0.27
CA GLN A 9 -2.54 -0.84 -0.25
C GLN A 9 -1.75 -2.11 -0.51
N CYS A 10 -2.18 -3.21 0.11
CA CYS A 10 -1.50 -4.49 -0.06
C CYS A 10 -2.29 -5.40 -0.99
N TYR A 11 -1.57 -6.09 -1.87
CA TYR A 11 -2.21 -7.00 -2.82
C TYR A 11 -2.12 -8.45 -2.34
N SER A 1 3.91 -7.66 -1.24
CA SER A 1 4.35 -6.25 -1.09
C SER A 1 3.15 -5.33 -0.87
N CYS A 2 3.42 -4.06 -0.57
CA CYS A 2 2.36 -3.09 -0.35
C CYS A 2 2.72 -1.75 -0.97
N THR A 3 1.73 -1.08 -1.56
CA THR A 3 1.95 0.21 -2.19
C THR A 3 2.45 1.24 -1.17
N LYS A 4 2.99 2.34 -1.67
CA LYS A 4 3.50 3.40 -0.80
C LYS A 4 2.50 4.54 -0.69
N SER A 5 1.22 4.19 -0.70
CA SER A 5 0.15 5.18 -0.58
C SER A 5 -0.28 5.36 0.86
N ILE A 6 -1.06 6.41 1.12
CA ILE A 6 -1.54 6.70 2.46
C ILE A 6 -3.06 6.85 2.48
N PRO A 7 -3.82 5.86 2.99
CA PRO A 7 -3.27 4.60 3.54
C PRO A 7 -2.77 3.65 2.46
N PRO A 8 -1.72 2.84 2.76
CA PRO A 8 -1.16 1.90 1.79
C PRO A 8 -2.09 0.70 1.55
N GLN A 9 -1.86 0.01 0.43
CA GLN A 9 -2.67 -1.15 0.09
C GLN A 9 -1.79 -2.32 -0.33
N CYS A 10 -2.06 -3.49 0.22
CA CYS A 10 -1.29 -4.69 -0.10
C CYS A 10 -2.08 -5.59 -1.05
N TYR A 11 -1.38 -6.14 -2.03
CA TYR A 11 -2.00 -7.04 -3.00
C TYR A 11 -1.73 -8.50 -2.66
N SER A 1 3.43 -7.92 -0.67
CA SER A 1 3.93 -6.57 -1.00
C SER A 1 2.86 -5.50 -0.74
N CYS A 2 3.30 -4.27 -0.52
CA CYS A 2 2.39 -3.17 -0.27
C CYS A 2 2.83 -1.91 -1.02
N THR A 3 1.85 -1.15 -1.51
CA THR A 3 2.13 0.07 -2.26
C THR A 3 2.73 1.13 -1.34
N LYS A 4 2.90 2.33 -1.87
CA LYS A 4 3.46 3.44 -1.11
C LYS A 4 2.46 4.60 -1.01
N SER A 5 1.27 4.29 -0.50
CA SER A 5 0.22 5.29 -0.35
C SER A 5 -0.29 5.34 1.09
N ILE A 6 -1.03 6.40 1.42
CA ILE A 6 -1.57 6.56 2.76
C ILE A 6 -3.08 6.79 2.71
N PRO A 7 -3.92 5.79 3.07
CA PRO A 7 -3.47 4.45 3.51
C PRO A 7 -2.88 3.64 2.36
N PRO A 8 -1.89 2.75 2.64
CA PRO A 8 -1.25 1.93 1.62
C PRO A 8 -2.10 0.72 1.24
N GLN A 9 -1.85 0.19 0.05
CA GLN A 9 -2.59 -0.97 -0.44
C GLN A 9 -1.71 -2.21 -0.46
N CYS A 10 -2.10 -3.22 0.30
CA CYS A 10 -1.34 -4.47 0.37
C CYS A 10 -2.03 -5.57 -0.44
N TYR A 11 -1.27 -6.61 -0.76
CA TYR A 11 -1.81 -7.74 -1.53
C TYR A 11 -1.16 -9.05 -1.11
N SER A 1 3.94 -7.15 -0.83
CA SER A 1 4.13 -5.87 -0.10
C SER A 1 3.02 -4.88 -0.43
N CYS A 2 3.00 -3.77 0.29
CA CYS A 2 1.99 -2.74 0.07
C CYS A 2 2.56 -1.59 -0.76
N THR A 3 1.68 -0.89 -1.46
CA THR A 3 2.08 0.24 -2.30
C THR A 3 2.74 1.33 -1.46
N LYS A 4 3.04 2.46 -2.10
CA LYS A 4 3.67 3.58 -1.41
C LYS A 4 2.70 4.75 -1.26
N SER A 5 1.47 4.44 -0.89
CA SER A 5 0.44 5.47 -0.70
C SER A 5 -0.29 5.30 0.63
N ILE A 6 -0.80 6.39 1.16
CA ILE A 6 -1.52 6.35 2.43
C ILE A 6 -3.03 6.52 2.21
N PRO A 7 -3.88 5.59 2.74
CA PRO A 7 -3.45 4.43 3.53
C PRO A 7 -2.76 3.37 2.67
N PRO A 8 -1.88 2.54 3.28
CA PRO A 8 -1.16 1.49 2.54
C PRO A 8 -2.08 0.38 2.08
N GLN A 9 -1.90 -0.07 0.84
CA GLN A 9 -2.71 -1.13 0.27
C GLN A 9 -1.84 -2.23 -0.33
N CYS A 10 -2.14 -3.47 0.00
CA CYS A 10 -1.38 -4.61 -0.50
C CYS A 10 -2.16 -5.36 -1.58
N TYR A 11 -1.45 -6.09 -2.42
CA TYR A 11 -2.08 -6.86 -3.49
C TYR A 11 -1.35 -8.18 -3.73
N SER A 1 5.51 -6.49 0.81
CA SER A 1 5.15 -5.10 1.22
C SER A 1 3.98 -4.57 0.41
N CYS A 2 3.39 -3.47 0.86
CA CYS A 2 2.26 -2.87 0.17
C CYS A 2 2.71 -1.65 -0.63
N THR A 3 1.79 -1.10 -1.42
CA THR A 3 2.08 0.07 -2.25
C THR A 3 2.50 1.25 -1.38
N LYS A 4 3.03 2.30 -2.01
CA LYS A 4 3.46 3.49 -1.29
C LYS A 4 2.34 4.52 -1.22
N SER A 5 1.16 4.08 -0.79
CA SER A 5 0.01 4.97 -0.67
C SER A 5 -0.34 5.21 0.80
N ILE A 6 -1.14 6.23 1.05
CA ILE A 6 -1.55 6.57 2.40
C ILE A 6 -3.08 6.65 2.52
N PRO A 7 -3.75 5.64 3.13
CA PRO A 7 -3.10 4.45 3.70
C PRO A 7 -2.58 3.50 2.63
N PRO A 8 -1.50 2.73 2.94
CA PRO A 8 -0.93 1.78 1.99
C PRO A 8 -1.79 0.54 1.80
N GLN A 9 -1.96 0.13 0.54
CA GLN A 9 -2.76 -1.05 0.22
C GLN A 9 -1.91 -2.12 -0.44
N CYS A 10 -2.21 -3.38 -0.14
CA CYS A 10 -1.46 -4.50 -0.70
C CYS A 10 -2.26 -5.17 -1.82
N TYR A 11 -1.54 -5.78 -2.76
CA TYR A 11 -2.19 -6.45 -3.89
C TYR A 11 -1.39 -7.68 -4.31
N SER A 1 3.81 -7.11 -0.60
CA SER A 1 4.04 -5.79 0.04
C SER A 1 2.92 -4.81 -0.30
N CYS A 2 2.91 -3.66 0.39
CA CYS A 2 1.90 -2.64 0.15
C CYS A 2 2.45 -1.51 -0.71
N THR A 3 1.56 -0.79 -1.39
CA THR A 3 1.96 0.31 -2.24
C THR A 3 2.67 1.39 -1.43
N LYS A 4 3.03 2.48 -2.11
CA LYS A 4 3.72 3.59 -1.45
C LYS A 4 2.78 4.78 -1.25
N SER A 5 1.52 4.47 -0.95
CA SER A 5 0.52 5.52 -0.72
C SER A 5 -0.22 5.30 0.60
N ILE A 6 -0.82 6.36 1.11
CA ILE A 6 -1.55 6.27 2.38
C ILE A 6 -3.07 6.37 2.14
N PRO A 7 -3.88 5.43 2.69
CA PRO A 7 -3.40 4.30 3.51
C PRO A 7 -2.67 3.25 2.67
N PRO A 8 -1.81 2.43 3.31
CA PRO A 8 -1.05 1.39 2.60
C PRO A 8 -1.95 0.27 2.09
N GLN A 9 -1.88 0.02 0.79
CA GLN A 9 -2.69 -1.03 0.17
C GLN A 9 -1.81 -2.16 -0.36
N CYS A 10 -2.17 -3.39 -0.01
CA CYS A 10 -1.42 -4.57 -0.44
C CYS A 10 -2.20 -5.36 -1.50
N TYR A 11 -1.49 -6.22 -2.22
CA TYR A 11 -2.11 -7.04 -3.25
C TYR A 11 -1.46 -8.41 -3.33
N SER A 1 3.36 -7.70 -0.66
CA SER A 1 3.93 -6.33 -0.54
C SER A 1 2.82 -5.28 -0.49
N CYS A 2 3.20 -4.05 -0.16
CA CYS A 2 2.23 -2.95 -0.08
C CYS A 2 2.78 -1.71 -0.77
N THR A 3 1.97 -1.11 -1.64
CA THR A 3 2.37 0.08 -2.37
C THR A 3 2.69 1.23 -1.41
N LYS A 4 3.17 2.33 -1.96
CA LYS A 4 3.51 3.50 -1.15
C LYS A 4 2.36 4.50 -1.11
N SER A 5 1.21 4.05 -0.62
CA SER A 5 0.03 4.90 -0.53
C SER A 5 -0.34 5.16 0.93
N ILE A 6 -1.21 6.14 1.15
CA ILE A 6 -1.64 6.49 2.50
C ILE A 6 -3.16 6.68 2.57
N PRO A 7 -3.92 5.70 3.13
CA PRO A 7 -3.38 4.45 3.70
C PRO A 7 -2.76 3.55 2.63
N PRO A 8 -1.76 2.73 3.00
CA PRO A 8 -1.10 1.82 2.05
C PRO A 8 -2.07 0.85 1.40
N GLN A 9 -1.61 0.20 0.34
CA GLN A 9 -2.44 -0.77 -0.39
C GLN A 9 -1.70 -2.08 -0.57
N CYS A 10 -2.14 -3.12 0.14
CA CYS A 10 -1.51 -4.43 0.05
C CYS A 10 -2.34 -5.37 -0.80
N TYR A 11 -1.70 -6.43 -1.30
CA TYR A 11 -2.38 -7.40 -2.15
C TYR A 11 -1.83 -8.80 -1.91
N SER A 1 2.74 -7.31 -2.23
CA SER A 1 3.50 -6.14 -1.72
C SER A 1 2.56 -4.99 -1.37
N CYS A 2 3.03 -4.09 -0.51
CA CYS A 2 2.25 -2.93 -0.10
C CYS A 2 2.69 -1.67 -0.83
N THR A 3 1.78 -1.08 -1.58
CA THR A 3 2.08 0.14 -2.32
C THR A 3 2.50 1.27 -1.39
N LYS A 4 3.13 2.29 -1.95
CA LYS A 4 3.59 3.43 -1.16
C LYS A 4 2.52 4.53 -1.13
N SER A 5 1.39 4.22 -0.51
CA SER A 5 0.29 5.17 -0.41
C SER A 5 -0.24 5.24 1.03
N ILE A 6 -1.05 6.25 1.31
CA ILE A 6 -1.63 6.43 2.63
C ILE A 6 -3.14 6.67 2.54
N PRO A 7 -3.98 5.68 2.96
CA PRO A 7 -3.54 4.38 3.50
C PRO A 7 -2.83 3.53 2.45
N PRO A 8 -1.88 2.67 2.87
CA PRO A 8 -1.14 1.81 1.95
C PRO A 8 -2.01 0.66 1.42
N GLN A 9 -1.71 0.23 0.20
CA GLN A 9 -2.46 -0.85 -0.43
C GLN A 9 -1.64 -2.13 -0.50
N CYS A 10 -2.06 -3.15 0.23
CA CYS A 10 -1.36 -4.42 0.25
C CYS A 10 -2.15 -5.48 -0.52
N TYR A 11 -1.41 -6.36 -1.21
CA TYR A 11 -2.04 -7.42 -2.00
C TYR A 11 -1.21 -8.69 -1.93
N SER A 1 4.58 -7.22 0.29
CA SER A 1 4.79 -5.86 -0.28
C SER A 1 3.46 -5.11 -0.39
N CYS A 2 3.51 -3.80 -0.17
CA CYS A 2 2.32 -2.96 -0.24
C CYS A 2 2.61 -1.66 -0.97
N THR A 3 1.57 -1.06 -1.54
CA THR A 3 1.71 0.19 -2.27
C THR A 3 2.18 1.31 -1.34
N LYS A 4 3.02 2.19 -1.86
CA LYS A 4 3.55 3.29 -1.08
C LYS A 4 2.58 4.47 -1.07
N SER A 5 1.43 4.27 -0.42
CA SER A 5 0.40 5.31 -0.34
C SER A 5 -0.20 5.36 1.06
N ILE A 6 -0.93 6.44 1.34
CA ILE A 6 -1.57 6.62 2.63
C ILE A 6 -3.09 6.77 2.49
N PRO A 7 -3.88 5.75 2.87
CA PRO A 7 -3.40 4.48 3.43
C PRO A 7 -2.79 3.56 2.37
N PRO A 8 -1.78 2.73 2.74
CA PRO A 8 -1.13 1.82 1.80
C PRO A 8 -1.99 0.60 1.50
N GLN A 9 -1.90 0.09 0.27
CA GLN A 9 -2.66 -1.08 -0.15
C GLN A 9 -1.75 -2.27 -0.40
N CYS A 10 -2.09 -3.41 0.20
CA CYS A 10 -1.30 -4.62 0.05
C CYS A 10 -1.98 -5.60 -0.91
N TYR A 11 -1.19 -6.46 -1.54
CA TYR A 11 -1.73 -7.44 -2.48
C TYR A 11 -0.87 -8.71 -2.47
N SER A 1 5.71 -6.84 -0.89
CA SER A 1 5.47 -5.61 -0.10
C SER A 1 4.16 -4.93 -0.51
N CYS A 2 3.82 -3.87 0.19
CA CYS A 2 2.59 -3.13 -0.11
C CYS A 2 2.91 -1.84 -0.87
N THR A 3 1.89 -1.26 -1.50
CA THR A 3 2.07 -0.04 -2.27
C THR A 3 2.47 1.12 -1.35
N LYS A 4 2.99 2.19 -1.95
CA LYS A 4 3.41 3.35 -1.20
C LYS A 4 2.34 4.45 -1.24
N SER A 5 1.24 4.20 -0.53
CA SER A 5 0.14 5.15 -0.47
C SER A 5 -0.32 5.36 0.97
N ILE A 6 -1.14 6.39 1.17
CA ILE A 6 -1.67 6.70 2.50
C ILE A 6 -3.19 6.73 2.50
N PRO A 7 -3.88 5.69 3.04
CA PRO A 7 -3.25 4.50 3.63
C PRO A 7 -2.66 3.56 2.57
N PRO A 8 -1.68 2.72 2.95
CA PRO A 8 -1.05 1.78 2.01
C PRO A 8 -1.96 0.60 1.67
N GLN A 9 -1.99 0.24 0.39
CA GLN A 9 -2.82 -0.86 -0.07
C GLN A 9 -1.95 -2.04 -0.50
N CYS A 10 -2.23 -3.22 0.05
CA CYS A 10 -1.46 -4.41 -0.28
C CYS A 10 -2.22 -5.29 -1.28
N TYR A 11 -1.50 -5.81 -2.25
CA TYR A 11 -2.10 -6.67 -3.28
C TYR A 11 -1.82 -8.14 -2.99
N SER A 1 4.12 -7.58 -0.74
CA SER A 1 4.44 -6.14 -0.98
C SER A 1 3.21 -5.26 -0.83
N CYS A 2 3.44 -3.98 -0.54
CA CYS A 2 2.34 -3.04 -0.37
C CYS A 2 2.67 -1.69 -1.02
N THR A 3 1.65 -1.02 -1.51
CA THR A 3 1.83 0.27 -2.16
C THR A 3 2.43 1.29 -1.19
N LYS A 4 2.97 2.38 -1.73
CA LYS A 4 3.58 3.43 -0.92
C LYS A 4 2.64 4.62 -0.78
N SER A 5 1.34 4.34 -0.76
CA SER A 5 0.34 5.39 -0.63
C SER A 5 -0.29 5.38 0.76
N ILE A 6 -0.94 6.48 1.12
CA ILE A 6 -1.59 6.59 2.42
C ILE A 6 -3.11 6.73 2.26
N PRO A 7 -3.91 5.75 2.76
CA PRO A 7 -3.42 4.55 3.46
C PRO A 7 -2.75 3.56 2.51
N PRO A 8 -1.79 2.74 3.01
CA PRO A 8 -1.09 1.75 2.18
C PRO A 8 -1.97 0.57 1.82
N GLN A 9 -1.78 0.03 0.62
CA GLN A 9 -2.56 -1.11 0.15
C GLN A 9 -1.65 -2.30 -0.12
N CYS A 10 -2.22 -3.51 -0.01
CA CYS A 10 -1.47 -4.73 -0.25
C CYS A 10 -2.28 -5.71 -1.09
N TYR A 11 -1.58 -6.63 -1.75
CA TYR A 11 -2.24 -7.62 -2.59
C TYR A 11 -1.48 -8.95 -2.56
N SER A 1 3.29 -7.06 -2.96
CA SER A 1 3.78 -6.15 -1.90
C SER A 1 2.79 -5.03 -1.62
N CYS A 2 3.09 -4.21 -0.63
CA CYS A 2 2.22 -3.10 -0.26
C CYS A 2 2.72 -1.79 -0.86
N THR A 3 1.82 -1.06 -1.52
CA THR A 3 2.18 0.21 -2.15
C THR A 3 2.51 1.25 -1.09
N LYS A 4 3.03 2.40 -1.54
CA LYS A 4 3.39 3.48 -0.64
C LYS A 4 2.29 4.54 -0.59
N SER A 5 1.04 4.09 -0.72
CA SER A 5 -0.10 4.99 -0.69
C SER A 5 -0.48 5.32 0.76
N ILE A 6 -1.31 6.35 0.91
CA ILE A 6 -1.75 6.78 2.24
C ILE A 6 -3.27 6.65 2.38
N PRO A 7 -3.79 5.58 3.02
CA PRO A 7 -2.98 4.49 3.60
C PRO A 7 -2.39 3.56 2.52
N PRO A 8 -1.43 2.70 2.90
CA PRO A 8 -0.81 1.76 1.96
C PRO A 8 -1.76 0.64 1.54
N GLN A 9 -1.67 0.22 0.29
CA GLN A 9 -2.52 -0.84 -0.24
C GLN A 9 -1.71 -2.12 -0.46
N CYS A 10 -2.16 -3.21 0.15
CA CYS A 10 -1.49 -4.49 0.02
C CYS A 10 -2.27 -5.43 -0.90
N TYR A 11 -1.56 -6.36 -1.52
CA TYR A 11 -2.19 -7.31 -2.43
C TYR A 11 -1.50 -8.67 -2.34
N SER A 1 3.16 -7.61 -0.88
CA SER A 1 3.83 -6.28 -0.73
C SER A 1 2.81 -5.14 -0.86
N CYS A 2 2.98 -4.12 -0.04
CA CYS A 2 2.08 -2.96 -0.08
C CYS A 2 2.72 -1.79 -0.81
N THR A 3 1.90 -1.01 -1.51
CA THR A 3 2.39 0.14 -2.26
C THR A 3 2.69 1.30 -1.33
N LYS A 4 3.20 2.39 -1.90
CA LYS A 4 3.52 3.58 -1.12
C LYS A 4 2.38 4.58 -1.16
N SER A 5 1.24 4.20 -0.61
CA SER A 5 0.07 5.06 -0.59
C SER A 5 -0.35 5.37 0.84
N ILE A 6 -1.23 6.35 1.00
CA ILE A 6 -1.70 6.76 2.32
C ILE A 6 -3.24 6.75 2.37
N PRO A 7 -3.88 5.72 2.99
CA PRO A 7 -3.18 4.59 3.63
C PRO A 7 -2.64 3.59 2.61
N PRO A 8 -1.59 2.81 2.97
CA PRO A 8 -0.99 1.82 2.08
C PRO A 8 -1.89 0.60 1.90
N GLN A 9 -1.83 0.00 0.71
CA GLN A 9 -2.63 -1.18 0.43
C GLN A 9 -1.79 -2.27 -0.25
N CYS A 10 -2.13 -3.53 0.02
CA CYS A 10 -1.41 -4.65 -0.56
C CYS A 10 -2.23 -5.31 -1.66
N TYR A 11 -1.55 -5.69 -2.74
CA TYR A 11 -2.23 -6.33 -3.86
C TYR A 11 -2.01 -7.84 -3.83
N SER A 1 4.50 -7.49 -0.98
CA SER A 1 4.68 -6.15 -0.33
C SER A 1 3.51 -5.23 -0.66
N CYS A 2 3.40 -4.15 0.11
CA CYS A 2 2.32 -3.18 -0.09
C CYS A 2 2.84 -1.95 -0.84
N THR A 3 1.92 -1.22 -1.45
CA THR A 3 2.27 -0.01 -2.20
C THR A 3 2.62 1.13 -1.25
N LYS A 4 2.99 2.28 -1.82
CA LYS A 4 3.35 3.45 -1.02
C LYS A 4 2.17 4.42 -0.93
N SER A 5 0.97 3.87 -0.79
CA SER A 5 -0.24 4.68 -0.69
C SER A 5 -0.47 5.14 0.75
N ILE A 6 -1.37 6.10 0.93
CA ILE A 6 -1.69 6.62 2.25
C ILE A 6 -3.21 6.71 2.46
N PRO A 7 -3.83 5.73 3.17
CA PRO A 7 -3.14 4.57 3.76
C PRO A 7 -2.52 3.65 2.71
N PRO A 8 -1.54 2.81 3.10
CA PRO A 8 -0.89 1.88 2.17
C PRO A 8 -1.80 0.73 1.75
N GLN A 9 -1.79 0.41 0.46
CA GLN A 9 -2.61 -0.67 -0.07
C GLN A 9 -1.75 -1.85 -0.51
N CYS A 10 -2.11 -3.04 -0.06
CA CYS A 10 -1.36 -4.25 -0.41
C CYS A 10 -2.10 -5.06 -1.47
N TYR A 11 -1.41 -6.02 -2.07
CA TYR A 11 -2.01 -6.87 -3.10
C TYR A 11 -1.43 -8.27 -3.04
N SER A 1 3.63 -7.81 -0.29
CA SER A 1 4.08 -6.46 -0.73
C SER A 1 2.98 -5.44 -0.55
N CYS A 2 3.36 -4.18 -0.40
CA CYS A 2 2.40 -3.09 -0.22
C CYS A 2 2.81 -1.86 -1.01
N THR A 3 1.83 -1.03 -1.37
CA THR A 3 2.11 0.19 -2.13
C THR A 3 2.64 1.29 -1.22
N LYS A 4 2.99 2.43 -1.82
CA LYS A 4 3.51 3.55 -1.06
C LYS A 4 2.46 4.65 -0.91
N SER A 5 1.22 4.24 -0.65
CA SER A 5 0.13 5.18 -0.48
C SER A 5 -0.26 5.32 0.98
N ILE A 6 -1.06 6.34 1.29
CA ILE A 6 -1.51 6.59 2.66
C ILE A 6 -3.03 6.77 2.71
N PRO A 7 -3.81 5.76 3.15
CA PRO A 7 -3.28 4.45 3.58
C PRO A 7 -2.82 3.59 2.41
N PRO A 8 -1.75 2.78 2.60
CA PRO A 8 -1.22 1.92 1.54
C PRO A 8 -2.15 0.75 1.22
N GLN A 9 -1.90 0.08 0.10
CA GLN A 9 -2.71 -1.06 -0.31
C GLN A 9 -1.84 -2.30 -0.50
N CYS A 10 -2.13 -3.34 0.26
CA CYS A 10 -1.38 -4.59 0.17
C CYS A 10 -2.19 -5.66 -0.57
N TYR A 11 -1.51 -6.40 -1.43
CA TYR A 11 -2.16 -7.45 -2.20
C TYR A 11 -1.90 -8.82 -1.59
N SER A 1 3.82 -7.19 -1.24
CA SER A 1 4.11 -5.93 -0.51
C SER A 1 3.01 -4.89 -0.72
N CYS A 2 3.05 -3.83 0.07
CA CYS A 2 2.05 -2.77 -0.03
C CYS A 2 2.60 -1.58 -0.82
N THR A 3 1.70 -0.87 -1.50
CA THR A 3 2.10 0.29 -2.30
C THR A 3 2.75 1.35 -1.43
N LYS A 4 3.10 2.48 -2.04
CA LYS A 4 3.74 3.57 -1.32
C LYS A 4 2.78 4.75 -1.16
N SER A 5 1.51 4.44 -0.92
CA SER A 5 0.49 5.48 -0.76
C SER A 5 -0.27 5.28 0.56
N ILE A 6 -0.86 6.36 1.05
CA ILE A 6 -1.63 6.30 2.29
C ILE A 6 -3.14 6.37 2.01
N PRO A 7 -3.96 5.44 2.58
CA PRO A 7 -3.48 4.36 3.46
C PRO A 7 -2.74 3.27 2.68
N PRO A 8 -1.81 2.55 3.34
CA PRO A 8 -1.03 1.49 2.69
C PRO A 8 -1.89 0.28 2.33
N GLN A 9 -2.01 0.03 1.03
CA GLN A 9 -2.81 -1.10 0.55
C GLN A 9 -1.93 -2.12 -0.16
N CYS A 10 -2.22 -3.40 0.06
CA CYS A 10 -1.45 -4.47 -0.56
C CYS A 10 -2.25 -5.13 -1.68
N TYR A 11 -1.55 -5.85 -2.55
CA TYR A 11 -2.19 -6.52 -3.68
C TYR A 11 -1.48 -7.84 -3.99
N SER A 1 3.78 -7.12 -2.92
CA SER A 1 4.22 -6.06 -1.97
C SER A 1 3.11 -5.03 -1.74
N CYS A 2 3.31 -4.16 -0.77
CA CYS A 2 2.33 -3.12 -0.45
C CYS A 2 2.74 -1.77 -1.02
N THR A 3 1.80 -1.07 -1.64
CA THR A 3 2.07 0.23 -2.23
C THR A 3 2.47 1.24 -1.15
N LYS A 4 3.05 2.35 -1.58
CA LYS A 4 3.47 3.39 -0.65
C LYS A 4 2.44 4.52 -0.59
N SER A 5 1.16 4.14 -0.65
CA SER A 5 0.08 5.11 -0.61
C SER A 5 -0.35 5.37 0.83
N ILE A 6 -1.14 6.43 1.03
CA ILE A 6 -1.62 6.80 2.36
C ILE A 6 -3.15 6.85 2.40
N PRO A 7 -3.83 5.82 2.95
CA PRO A 7 -3.19 4.63 3.54
C PRO A 7 -2.63 3.69 2.49
N PRO A 8 -1.71 2.77 2.87
CA PRO A 8 -1.11 1.82 1.93
C PRO A 8 -2.05 0.67 1.59
N GLN A 9 -1.81 0.04 0.44
CA GLN A 9 -2.64 -1.07 -0.01
C GLN A 9 -1.77 -2.28 -0.35
N CYS A 10 -2.08 -3.42 0.25
CA CYS A 10 -1.33 -4.64 0.01
C CYS A 10 -2.08 -5.56 -0.96
N TYR A 11 -1.35 -6.16 -1.88
CA TYR A 11 -1.94 -7.05 -2.87
C TYR A 11 -1.79 -8.52 -2.44
N SER A 1 3.67 -7.45 -2.22
CA SER A 1 4.15 -6.30 -1.42
C SER A 1 3.09 -5.21 -1.33
N CYS A 2 3.30 -4.26 -0.42
CA CYS A 2 2.36 -3.16 -0.22
C CYS A 2 2.86 -1.89 -0.91
N THR A 3 1.94 -1.12 -1.47
CA THR A 3 2.28 0.12 -2.16
C THR A 3 2.66 1.21 -1.16
N LYS A 4 2.98 2.39 -1.67
CA LYS A 4 3.35 3.52 -0.82
C LYS A 4 2.20 4.51 -0.69
N SER A 5 0.97 3.99 -0.75
CA SER A 5 -0.21 4.84 -0.64
C SER A 5 -0.46 5.24 0.80
N ILE A 6 -1.34 6.23 1.00
CA ILE A 6 -1.67 6.71 2.33
C ILE A 6 -3.19 6.75 2.54
N PRO A 7 -3.79 5.72 3.18
CA PRO A 7 -3.07 4.55 3.70
C PRO A 7 -2.51 3.67 2.59
N PRO A 8 -1.58 2.75 2.92
CA PRO A 8 -0.96 1.86 1.92
C PRO A 8 -1.94 0.84 1.37
N GLN A 9 -1.58 0.22 0.25
CA GLN A 9 -2.43 -0.79 -0.38
C GLN A 9 -1.68 -2.10 -0.56
N CYS A 10 -2.15 -3.15 0.09
CA CYS A 10 -1.53 -4.46 0.00
C CYS A 10 -2.39 -5.41 -0.83
N TYR A 11 -1.73 -6.19 -1.69
CA TYR A 11 -2.43 -7.14 -2.54
C TYR A 11 -2.22 -8.57 -2.05
#